data_8K1B
#
_entry.id   8K1B
#
_cell.length_a   1.00
_cell.length_b   1.00
_cell.length_c   1.00
_cell.angle_alpha   90.00
_cell.angle_beta   90.00
_cell.angle_gamma   90.00
#
_symmetry.space_group_name_H-M   'P 1'
#
loop_
_entity.id
_entity.type
_entity.pdbx_description
1 polymer 'SID1 transmembrane family member 1'
2 non-polymer 2-acetamido-2-deoxy-beta-D-glucopyranose
#
_entity_poly.entity_id   1
_entity_poly.type   'polypeptide(L)'
_entity_poly.pdbx_seq_one_letter_code
;DFDHVYSGVVNLSTENIYSFNYTSQPDQVTAVRVYVNSSSENLNYPVLVVVRQQKEVLSWQVPLLFQGLYQRSYNYQEVS
RTLCPSEATNETGPLQQLIFVDVASMAPLGAQYKLLVTKLKHFQLRTNVAFHFTASPSQPQYFLYKFPKDVDSVIIKVVS
EMAYPCSVVSVQNIMCPVYDLDHNVEFNGVYQSMTKKAAITLQKKDFPGEQFFVVFVIKPEDYACGGSFFIQEKENQTWN
LQRKKNLEVTIVPS
;
_entity_poly.pdbx_strand_id   A,B
#
loop_
_chem_comp.id
_chem_comp.type
_chem_comp.name
_chem_comp.formula
NAG D-saccharide, beta linking 2-acetamido-2-deoxy-beta-D-glucopyranose 'C8 H15 N O6'
#
# COMPACT_ATOMS: atom_id res chain seq x y z
N ASP A 1 -2.83 20.93 17.28
CA ASP A 1 -1.95 20.79 18.44
C ASP A 1 -1.77 19.31 18.81
N PHE A 2 -0.52 18.91 18.97
CA PHE A 2 -0.21 17.53 19.31
C PHE A 2 -0.62 17.25 20.77
N ASP A 3 -0.57 15.96 21.13
CA ASP A 3 -0.89 15.50 22.48
C ASP A 3 -2.31 15.87 22.89
N HIS A 4 -3.23 15.90 21.93
CA HIS A 4 -4.63 16.18 22.18
C HIS A 4 -5.48 15.21 21.38
N VAL A 5 -6.62 14.83 21.96
CA VAL A 5 -7.52 13.86 21.33
C VAL A 5 -8.75 14.61 20.86
N TYR A 6 -8.89 14.75 19.55
CA TYR A 6 -10.11 15.29 18.97
C TYR A 6 -11.18 14.21 18.83
N SER A 7 -12.43 14.60 19.03
CA SER A 7 -13.57 13.71 18.85
C SER A 7 -14.50 14.31 17.81
N GLY A 8 -15.03 13.46 16.94
CA GLY A 8 -15.87 13.96 15.87
C GLY A 8 -16.78 12.89 15.32
N VAL A 9 -17.76 13.34 14.54
CA VAL A 9 -18.72 12.47 13.88
C VAL A 9 -18.57 12.65 12.37
N VAL A 10 -18.67 11.54 11.64
CA VAL A 10 -18.54 11.55 10.19
C VAL A 10 -19.81 10.99 9.59
N ASN A 11 -20.11 11.42 8.36
CA ASN A 11 -21.24 10.90 7.61
C ASN A 11 -21.00 11.20 6.13
N LEU A 12 -22.03 10.99 5.30
CA LEU A 12 -21.86 11.14 3.86
C LEU A 12 -21.52 12.58 3.49
N SER A 13 -22.20 13.55 4.09
CA SER A 13 -22.13 14.93 3.62
C SER A 13 -20.99 15.72 4.27
N THR A 14 -20.55 15.35 5.46
CA THR A 14 -19.58 16.12 6.22
C THR A 14 -18.27 15.37 6.33
N GLU A 15 -17.17 16.08 6.07
CA GLU A 15 -15.83 15.58 6.30
C GLU A 15 -15.07 16.57 7.18
N ASN A 16 -14.05 16.08 7.87
CA ASN A 16 -13.28 16.88 8.80
C ASN A 16 -11.83 16.99 8.34
N ILE A 17 -11.28 18.19 8.45
CA ILE A 17 -9.93 18.51 8.00
C ILE A 17 -9.20 19.22 9.11
N TYR A 18 -8.00 18.74 9.45
CA TYR A 18 -7.17 19.33 10.49
C TYR A 18 -5.75 19.47 9.95
N SER A 19 -5.27 20.70 9.83
CA SER A 19 -3.93 20.93 9.32
C SER A 19 -2.98 21.14 10.50
N PHE A 20 -1.91 20.34 10.53
CA PHE A 20 -0.89 20.46 11.57
C PHE A 20 0.38 21.04 10.95
N ASN A 21 1.06 21.89 11.71
CA ASN A 21 2.33 22.47 11.31
C ASN A 21 3.35 22.25 12.42
N TYR A 22 4.57 21.88 12.03
CA TYR A 22 5.65 21.68 12.99
C TYR A 22 6.97 21.81 12.25
N THR A 23 8.05 21.94 13.03
CA THR A 23 9.39 22.11 12.49
C THR A 23 10.34 21.06 13.05
N SER A 24 11.33 20.71 12.23
CA SER A 24 12.37 19.74 12.62
C SER A 24 13.73 20.36 12.35
N GLN A 25 14.44 20.70 13.42
CA GLN A 25 15.75 21.33 13.31
C GLN A 25 16.78 20.32 12.79
N PRO A 26 17.86 20.80 12.17
CA PRO A 26 18.86 19.87 11.63
C PRO A 26 19.47 19.01 12.72
N ASP A 27 19.89 17.80 12.34
CA ASP A 27 20.52 16.80 13.19
C ASP A 27 19.56 16.21 14.21
N GLN A 28 18.28 16.58 14.18
CA GLN A 28 17.26 15.97 15.03
C GLN A 28 16.09 15.53 14.15
N VAL A 29 15.69 14.27 14.30
CA VAL A 29 14.59 13.69 13.54
C VAL A 29 13.35 13.64 14.41
N THR A 30 12.21 14.04 13.84
CA THR A 30 10.94 14.11 14.54
C THR A 30 9.90 13.35 13.73
N ALA A 31 9.49 12.19 14.21
CA ALA A 31 8.51 11.36 13.53
C ALA A 31 7.14 11.61 14.13
N VAL A 32 6.16 11.88 13.26
CA VAL A 32 4.79 12.13 13.70
C VAL A 32 4.08 10.81 13.90
N ARG A 33 3.15 10.77 14.84
CA ARG A 33 2.40 9.58 15.18
C ARG A 33 0.92 9.90 15.18
N VAL A 34 0.14 9.09 14.48
CA VAL A 34 -1.31 9.28 14.35
C VAL A 34 -2.00 8.15 15.08
N TYR A 35 -2.95 8.49 15.93
CA TYR A 35 -3.63 7.54 16.82
C TYR A 35 -5.13 7.69 16.58
N VAL A 36 -5.71 6.80 15.79
CA VAL A 36 -7.11 6.86 15.42
C VAL A 36 -7.84 5.64 15.98
N ASN A 37 -9.12 5.82 16.27
CA ASN A 37 -10.01 4.70 16.55
C ASN A 37 -11.42 5.10 16.15
N SER A 38 -12.24 4.09 15.82
CA SER A 38 -13.63 4.30 15.47
C SER A 38 -14.49 3.28 16.18
N SER A 39 -15.65 3.70 16.65
CA SER A 39 -16.55 2.83 17.40
C SER A 39 -17.59 2.14 16.53
N SER A 40 -17.55 2.32 15.22
CA SER A 40 -18.53 1.71 14.33
C SER A 40 -18.28 0.21 14.25
N GLU A 41 -19.17 -0.58 14.84
CA GLU A 41 -19.06 -2.03 14.75
C GLU A 41 -19.39 -2.55 13.35
N ASN A 42 -20.07 -1.76 12.53
CA ASN A 42 -20.40 -2.19 11.19
C ASN A 42 -19.16 -2.29 10.32
N LEU A 43 -19.19 -3.23 9.36
CA LEU A 43 -18.10 -3.37 8.41
C LEU A 43 -18.44 -2.98 6.98
N ASN A 44 -19.72 -2.84 6.65
CA ASN A 44 -20.09 -2.42 5.30
C ASN A 44 -19.79 -0.96 5.01
N TYR A 45 -19.47 -0.16 6.04
CA TYR A 45 -19.16 1.26 5.86
C TYR A 45 -18.07 1.65 6.84
N PRO A 46 -16.82 1.31 6.53
CA PRO A 46 -15.70 1.77 7.36
C PRO A 46 -15.30 3.20 7.05
N VAL A 47 -14.86 3.88 8.10
CA VAL A 47 -14.43 5.28 8.00
C VAL A 47 -12.98 5.34 7.50
N LEU A 48 -12.81 6.17 6.47
CA LEU A 48 -11.49 6.28 5.82
C LEU A 48 -10.73 7.47 6.42
N VAL A 49 -9.45 7.28 6.72
CA VAL A 49 -8.61 8.31 7.30
C VAL A 49 -7.36 8.41 6.44
N VAL A 50 -7.00 9.61 6.03
CA VAL A 50 -5.84 9.84 5.17
C VAL A 50 -4.93 10.87 5.83
N VAL A 51 -3.63 10.70 5.67
CA VAL A 51 -2.64 11.67 6.12
C VAL A 51 -1.79 12.05 4.92
N ARG A 52 -1.72 13.35 4.64
CA ARG A 52 -1.03 13.85 3.46
C ARG A 52 0.17 14.69 3.88
N GLN A 53 1.34 14.34 3.33
CA GLN A 53 2.55 15.07 3.59
C GLN A 53 2.87 15.97 2.38
N GLN A 54 4.08 16.51 2.37
CA GLN A 54 4.52 17.36 1.24
C GLN A 54 4.78 16.47 0.02
N LYS A 55 5.06 15.17 0.24
CA LYS A 55 5.37 14.29 -0.87
C LYS A 55 4.52 13.01 -0.80
N GLU A 56 4.22 12.52 0.39
CA GLU A 56 3.60 11.21 0.53
C GLU A 56 2.19 11.31 1.10
N VAL A 57 1.33 10.40 0.65
CA VAL A 57 -0.04 10.24 1.13
C VAL A 57 -0.22 8.82 1.64
N LEU A 58 -0.75 8.68 2.85
CA LEU A 58 -0.99 7.38 3.47
C LEU A 58 -2.43 7.31 3.95
N SER A 59 -3.17 6.30 3.50
CA SER A 59 -4.59 6.17 3.81
C SER A 59 -4.87 4.77 4.34
N TRP A 60 -5.88 4.69 5.21
CA TRP A 60 -6.27 3.38 5.78
C TRP A 60 -7.77 3.40 6.08
N GLN A 61 -8.35 2.25 6.38
CA GLN A 61 -9.76 2.12 6.67
C GLN A 61 -9.94 1.61 8.09
N VAL A 62 -10.91 2.18 8.80
CA VAL A 62 -11.22 1.82 10.19
C VAL A 62 -12.68 1.46 10.29
N PRO A 63 -13.05 0.36 10.96
CA PRO A 63 -12.20 -0.63 11.64
C PRO A 63 -11.40 -1.46 10.65
N LEU A 64 -10.09 -1.57 10.87
CA LEU A 64 -9.25 -2.35 9.97
C LEU A 64 -9.71 -3.79 9.92
N LEU A 65 -9.68 -4.37 8.72
CA LEU A 65 -10.14 -5.73 8.48
C LEU A 65 -8.97 -6.59 8.04
N PHE A 66 -8.85 -7.77 8.62
CA PHE A 66 -7.82 -8.71 8.25
C PHE A 66 -8.47 -10.01 7.81
N GLN A 67 -7.91 -10.64 6.77
CA GLN A 67 -8.46 -11.91 6.23
C GLN A 67 -7.42 -13.01 6.39
N GLY A 68 -7.37 -13.65 7.55
CA GLY A 68 -6.45 -14.75 7.78
C GLY A 68 -6.87 -16.00 7.02
N LEU A 69 -6.14 -17.08 7.28
CA LEU A 69 -6.44 -18.34 6.61
C LEU A 69 -7.76 -18.90 7.14
N TYR A 70 -8.34 -19.84 6.39
CA TYR A 70 -9.61 -20.47 6.73
C TYR A 70 -10.75 -19.45 6.76
N GLN A 71 -10.58 -18.34 6.04
CA GLN A 71 -11.58 -17.29 5.86
C GLN A 71 -12.17 -16.83 7.20
N ARG A 72 -11.30 -16.64 8.19
CA ARG A 72 -11.66 -15.93 9.41
C ARG A 72 -11.37 -14.44 9.22
N SER A 73 -12.34 -13.60 9.58
CA SER A 73 -12.16 -12.16 9.52
C SER A 73 -11.91 -11.59 10.91
N TYR A 74 -11.09 -10.54 10.95
CA TYR A 74 -10.78 -9.82 12.18
C TYR A 74 -11.05 -8.34 12.00
N ASN A 75 -11.64 -7.73 13.02
CA ASN A 75 -11.97 -6.30 12.99
C ASN A 75 -11.24 -5.62 14.15
N TYR A 76 -10.25 -4.79 13.82
CA TYR A 76 -9.48 -4.04 14.79
C TYR A 76 -9.98 -2.60 14.79
N GLN A 77 -10.15 -2.04 15.99
CA GLN A 77 -10.71 -0.70 16.09
C GLN A 77 -9.67 0.41 16.28
N GLU A 78 -8.56 0.12 16.96
CA GLU A 78 -7.50 1.10 17.17
C GLU A 78 -6.44 0.96 16.08
N VAL A 79 -6.23 2.00 15.28
CA VAL A 79 -5.19 1.94 14.26
C VAL A 79 -4.20 3.08 14.49
N SER A 80 -2.97 2.87 14.03
CA SER A 80 -1.88 3.82 14.26
C SER A 80 -0.77 3.57 13.26
N ARG A 81 -0.10 4.67 12.89
CA ARG A 81 1.01 4.57 11.93
C ARG A 81 1.94 5.78 12.12
N THR A 82 3.21 5.66 11.72
CA THR A 82 4.23 6.67 11.83
C THR A 82 4.55 7.13 10.41
N LEU A 83 4.70 8.43 10.24
CA LEU A 83 4.89 9.02 8.92
C LEU A 83 6.36 9.05 8.53
N CYS A 84 6.61 9.50 7.31
CA CYS A 84 7.97 9.64 6.82
C CYS A 84 8.70 10.72 7.61
N PRO A 85 9.81 10.41 8.26
CA PRO A 85 10.58 11.41 8.99
C PRO A 85 11.43 12.24 8.04
N SER A 86 11.04 13.49 7.84
CA SER A 86 11.82 14.37 6.97
C SER A 86 13.16 14.64 7.62
N GLU A 87 14.23 14.48 6.85
CA GLU A 87 15.59 14.56 7.36
C GLU A 87 16.19 15.90 6.96
N ALA A 88 16.89 16.53 7.89
CA ALA A 88 17.53 17.82 7.67
C ALA A 88 19.04 17.69 7.88
N THR A 89 19.79 18.41 7.07
CA THR A 89 21.24 18.30 7.01
C THR A 89 21.87 19.61 7.48
N ASN A 90 23.19 19.70 7.30
CA ASN A 90 23.91 20.91 7.67
C ASN A 90 23.48 22.13 6.85
N GLU A 91 22.78 21.93 5.74
CA GLU A 91 22.03 23.02 5.12
C GLU A 91 20.87 23.36 6.05
N THR A 92 21.05 24.39 6.86
CA THR A 92 20.17 24.64 8.00
C THR A 92 18.85 25.23 7.54
N GLY A 93 17.96 25.46 8.51
CA GLY A 93 16.66 26.02 8.24
C GLY A 93 15.57 25.33 9.03
N PRO A 94 14.78 26.12 9.76
CA PRO A 94 13.64 25.54 10.48
C PRO A 94 12.50 25.17 9.55
N LEU A 95 12.56 23.96 8.97
CA LEU A 95 11.61 23.54 7.96
C LEU A 95 10.20 23.51 8.52
N GLN A 96 9.38 24.49 8.12
CA GLN A 96 8.03 24.65 8.64
C GLN A 96 7.07 23.74 7.86
N GLN A 97 7.20 22.44 8.13
CA GLN A 97 6.45 21.43 7.40
C GLN A 97 5.00 21.36 7.89
N LEU A 98 4.11 20.92 7.00
CA LEU A 98 2.70 20.78 7.30
C LEU A 98 2.23 19.37 6.93
N ILE A 99 1.24 18.88 7.67
CA ILE A 99 0.70 17.54 7.49
C ILE A 99 -0.81 17.60 7.66
N PHE A 100 -1.55 17.18 6.64
CA PHE A 100 -3.00 17.18 6.65
C PHE A 100 -3.57 15.84 7.09
N VAL A 101 -4.66 15.89 7.86
CA VAL A 101 -5.41 14.70 8.25
C VAL A 101 -6.85 14.93 7.83
N ASP A 102 -7.33 14.13 6.88
CA ASP A 102 -8.67 14.25 6.32
C ASP A 102 -9.45 12.97 6.58
N VAL A 103 -10.63 13.12 7.17
CA VAL A 103 -11.50 12.00 7.54
C VAL A 103 -12.85 12.16 6.86
N ALA A 104 -13.32 11.06 6.24
CA ALA A 104 -14.59 11.07 5.52
C ALA A 104 -15.11 9.64 5.49
N SER A 105 -16.39 9.50 5.19
CA SER A 105 -17.04 8.21 5.05
C SER A 105 -18.39 8.41 4.36
N MET A 106 -19.12 7.31 4.16
CA MET A 106 -20.44 7.40 3.49
C MET A 106 -21.46 6.57 4.28
N ALA A 107 -21.21 6.30 5.56
CA ALA A 107 -22.16 5.53 6.36
C ALA A 107 -23.52 6.23 6.35
N PRO A 108 -24.62 5.47 6.21
CA PRO A 108 -25.94 6.12 6.13
C PRO A 108 -26.29 6.92 7.37
N LEU A 109 -25.86 6.47 8.55
CA LEU A 109 -26.07 7.22 9.79
C LEU A 109 -24.82 7.94 10.25
N GLY A 110 -23.66 7.31 10.12
CA GLY A 110 -22.39 7.90 10.46
C GLY A 110 -21.53 6.92 11.23
N ALA A 111 -20.41 7.44 11.74
CA ALA A 111 -19.49 6.65 12.56
C ALA A 111 -18.70 7.60 13.45
N GLN A 112 -18.51 7.19 14.70
CA GLN A 112 -17.68 7.95 15.63
C GLN A 112 -16.20 7.74 15.30
N TYR A 113 -15.38 8.73 15.68
CA TYR A 113 -13.94 8.55 15.60
C TYR A 113 -13.25 9.54 16.54
N LYS A 114 -12.19 9.08 17.19
CA LYS A 114 -11.34 9.90 18.02
C LYS A 114 -9.92 9.86 17.44
N LEU A 115 -9.30 11.03 17.32
CA LEU A 115 -8.02 11.15 16.63
C LEU A 115 -7.04 11.93 17.50
N LEU A 116 -5.85 11.37 17.69
CA LEU A 116 -4.78 11.98 18.45
C LEU A 116 -3.51 11.99 17.63
N VAL A 117 -2.71 13.05 17.77
CA VAL A 117 -1.46 13.21 17.04
C VAL A 117 -0.38 13.59 18.04
N THR A 118 0.82 13.03 17.87
CA THR A 118 1.93 13.30 18.78
C THR A 118 3.24 12.96 18.10
N LYS A 119 4.26 13.79 18.34
CA LYS A 119 5.61 13.45 17.92
C LYS A 119 6.20 12.39 18.85
N LEU A 120 6.96 11.47 18.27
CA LEU A 120 7.60 10.42 19.05
C LEU A 120 8.82 10.99 19.75
N LYS A 121 8.79 11.00 21.09
CA LYS A 121 9.92 11.54 21.85
C LYS A 121 11.16 10.65 21.70
N HIS A 122 10.97 9.34 21.63
CA HIS A 122 12.07 8.39 21.47
C HIS A 122 11.94 7.76 20.09
N PHE A 123 12.51 8.42 19.09
CA PHE A 123 12.48 7.95 17.71
C PHE A 123 13.84 7.49 17.22
N GLN A 124 14.92 8.00 17.79
CA GLN A 124 16.27 7.60 17.42
C GLN A 124 16.82 6.71 18.52
N LEU A 125 17.02 5.43 18.20
CA LEU A 125 17.51 4.47 19.18
C LEU A 125 18.96 4.78 19.55
N ARG A 126 19.28 4.60 20.83
CA ARG A 126 20.62 4.82 21.34
C ARG A 126 21.32 3.49 21.60
N THR A 127 22.65 3.50 21.44
CA THR A 127 23.42 2.28 21.56
C THR A 127 23.40 1.76 23.00
N ASN A 128 23.22 0.44 23.14
CA ASN A 128 23.25 -0.26 24.42
C ASN A 128 22.19 0.20 25.41
N VAL A 129 21.20 0.98 24.97
CA VAL A 129 20.13 1.46 25.85
C VAL A 129 18.86 0.71 25.51
N ALA A 130 18.36 -0.07 26.47
CA ALA A 130 17.16 -0.86 26.26
C ALA A 130 15.91 0.03 26.27
N PHE A 131 15.03 -0.22 25.31
CA PHE A 131 13.76 0.50 25.19
C PHE A 131 12.58 -0.46 25.25
N HIS A 132 11.50 -0.02 25.89
CA HIS A 132 10.28 -0.80 26.04
C HIS A 132 9.15 -0.12 25.29
N PHE A 133 8.37 -0.92 24.55
CA PHE A 133 7.25 -0.38 23.78
C PHE A 133 6.25 -1.48 23.50
N THR A 134 5.00 -1.07 23.26
CA THR A 134 3.88 -1.98 23.02
C THR A 134 3.41 -1.88 21.57
N ALA A 135 3.38 -3.03 20.90
CA ALA A 135 2.97 -3.07 19.48
C ALA A 135 1.61 -3.75 19.36
N SER A 136 1.10 -3.89 18.13
CA SER A 136 -0.22 -4.51 17.90
C SER A 136 -0.42 -4.69 16.38
N PRO A 137 -1.20 -5.68 15.89
CA PRO A 137 -1.33 -5.89 14.45
C PRO A 137 -1.64 -4.61 13.66
N SER A 138 -2.56 -3.80 14.15
CA SER A 138 -2.95 -2.56 13.46
C SER A 138 -2.15 -1.37 14.00
N GLN A 139 -1.35 -1.59 15.03
CA GLN A 139 -0.49 -0.49 15.55
C GLN A 139 0.97 -0.86 15.34
N PRO A 140 1.50 -0.81 14.10
CA PRO A 140 2.93 -1.07 13.87
C PRO A 140 3.78 0.11 14.35
N GLN A 141 5.06 -0.17 14.56
CA GLN A 141 6.00 0.82 15.06
C GLN A 141 7.27 0.76 14.23
N TYR A 142 8.03 1.86 14.23
CA TYR A 142 9.39 1.81 13.72
C TYR A 142 10.18 3.00 14.25
N PHE A 143 11.49 2.80 14.35
CA PHE A 143 12.41 3.81 14.89
C PHE A 143 13.66 3.84 14.03
N LEU A 144 14.34 4.98 14.06
CA LEU A 144 15.55 5.20 13.27
C LEU A 144 16.79 5.00 14.13
N TYR A 145 17.75 4.25 13.61
CA TYR A 145 19.06 4.11 14.23
C TYR A 145 20.13 4.70 13.33
N LYS A 146 21.06 5.45 13.92
CA LYS A 146 22.15 6.07 13.18
C LYS A 146 23.46 5.47 13.65
N PHE A 147 24.29 5.01 12.72
CA PHE A 147 25.55 4.37 13.06
C PHE A 147 26.51 5.39 13.67
N PRO A 148 27.36 4.95 14.60
CA PRO A 148 28.42 5.84 15.09
C PRO A 148 29.64 5.77 14.18
N LYS A 149 30.58 6.69 14.42
CA LYS A 149 31.77 6.76 13.57
C LYS A 149 32.69 5.58 13.79
N ASP A 150 32.99 5.25 15.06
CA ASP A 150 33.93 4.18 15.36
C ASP A 150 33.34 2.81 15.09
N VAL A 151 32.09 2.58 15.51
CA VAL A 151 31.47 1.27 15.38
C VAL A 151 31.22 0.96 13.92
N ASP A 152 31.47 -0.30 13.53
CA ASP A 152 31.27 -0.72 12.15
C ASP A 152 30.25 -1.82 11.97
N SER A 153 29.70 -2.38 13.04
CA SER A 153 28.68 -3.40 12.92
C SER A 153 27.90 -3.42 14.22
N VAL A 154 26.62 -3.78 14.12
CA VAL A 154 25.75 -3.79 15.29
C VAL A 154 24.93 -5.08 15.28
N ILE A 155 24.39 -5.41 16.44
CA ILE A 155 23.44 -6.49 16.62
C ILE A 155 22.23 -5.91 17.33
N ILE A 156 21.07 -6.02 16.73
CA ILE A 156 19.83 -5.54 17.33
C ILE A 156 19.12 -6.73 17.94
N LYS A 157 18.79 -6.63 19.22
CA LYS A 157 18.24 -7.74 19.98
C LYS A 157 16.88 -7.34 20.52
N VAL A 158 15.87 -8.17 20.24
CA VAL A 158 14.50 -7.93 20.67
C VAL A 158 14.05 -9.10 21.54
N VAL A 159 13.44 -8.79 22.67
CA VAL A 159 12.99 -9.79 23.63
C VAL A 159 11.55 -9.47 24.02
N SER A 160 10.71 -10.51 24.07
CA SER A 160 9.34 -10.37 24.54
C SER A 160 9.07 -11.40 25.62
N GLU A 161 7.97 -11.16 26.36
CA GLU A 161 7.58 -12.01 27.48
C GLU A 161 6.59 -13.09 27.03
N MET A 162 5.46 -12.67 26.46
CA MET A 162 4.44 -13.61 26.00
C MET A 162 4.79 -14.04 24.57
N ALA A 163 4.80 -15.35 24.33
CA ALA A 163 5.24 -15.87 23.04
C ALA A 163 4.34 -15.39 21.92
N TYR A 164 3.06 -15.42 22.13
CA TYR A 164 2.12 -14.96 21.11
C TYR A 164 1.69 -13.53 21.42
N PRO A 165 1.33 -12.73 20.41
CA PRO A 165 1.19 -13.05 18.97
C PRO A 165 2.51 -13.13 18.21
N CYS A 166 2.45 -13.64 16.98
CA CYS A 166 3.62 -13.65 16.10
C CYS A 166 3.94 -12.22 15.67
N SER A 167 5.23 -11.95 15.51
CA SER A 167 5.69 -10.61 15.14
C SER A 167 6.79 -10.71 14.11
N VAL A 168 7.05 -9.58 13.44
CA VAL A 168 8.07 -9.46 12.42
C VAL A 168 8.88 -8.19 12.68
N VAL A 169 10.21 -8.33 12.66
CA VAL A 169 11.13 -7.21 12.86
C VAL A 169 11.92 -7.06 11.57
N SER A 170 11.90 -5.85 11.01
CA SER A 170 12.53 -5.61 9.72
C SER A 170 13.47 -4.41 9.81
N VAL A 171 14.48 -4.41 8.93
CA VAL A 171 15.42 -3.31 8.80
C VAL A 171 15.49 -2.88 7.35
N GLN A 172 15.30 -1.60 7.09
CA GLN A 172 15.31 -1.05 5.74
C GLN A 172 16.17 0.21 5.70
N ASN A 173 16.55 0.60 4.49
CA ASN A 173 17.34 1.84 4.32
C ASN A 173 16.39 3.02 4.39
N ILE A 174 16.93 4.24 4.46
CA ILE A 174 16.11 5.44 4.52
C ILE A 174 15.75 5.88 3.11
N MET A 175 14.63 5.37 2.60
CA MET A 175 13.97 5.88 1.40
C MET A 175 12.48 5.60 1.58
N CYS A 176 11.78 6.59 2.11
CA CYS A 176 10.37 6.40 2.41
C CYS A 176 9.54 6.52 1.13
N PRO A 177 8.37 5.86 1.07
CA PRO A 177 7.57 5.28 2.15
C PRO A 177 8.17 4.04 2.82
N VAL A 178 7.92 3.88 4.11
CA VAL A 178 8.48 2.80 4.91
C VAL A 178 7.51 1.63 4.90
N TYR A 179 8.02 0.44 4.62
CA TYR A 179 7.20 -0.76 4.49
C TYR A 179 6.94 -1.33 5.87
N ASP A 180 5.78 -0.98 6.44
CA ASP A 180 5.40 -1.39 7.79
C ASP A 180 4.03 -2.05 7.79
N LEU A 181 3.74 -2.89 6.81
CA LEU A 181 2.49 -3.64 6.76
C LEU A 181 2.78 -5.12 6.62
N ASP A 182 1.82 -5.95 7.03
CA ASP A 182 2.02 -7.39 7.05
C ASP A 182 2.25 -7.95 5.65
N HIS A 183 1.54 -7.44 4.66
CA HIS A 183 1.66 -7.93 3.30
C HIS A 183 2.80 -7.28 2.52
N ASN A 184 3.48 -6.31 3.11
CA ASN A 184 4.50 -5.56 2.33
C ASN A 184 5.85 -5.51 3.05
N VAL A 185 5.87 -5.60 4.38
CA VAL A 185 7.14 -5.49 5.11
C VAL A 185 8.19 -6.46 4.60
N GLU A 186 7.78 -7.56 3.99
CA GLU A 186 8.70 -8.60 3.55
C GLU A 186 9.37 -8.28 2.21
N PHE A 187 8.96 -7.20 1.54
CA PHE A 187 9.47 -6.94 0.20
C PHE A 187 10.93 -6.52 0.22
N ASN A 188 11.29 -5.57 1.07
CA ASN A 188 12.57 -4.90 0.99
C ASN A 188 13.36 -5.08 2.28
N GLY A 189 14.69 -5.10 2.15
CA GLY A 189 15.56 -5.15 3.30
C GLY A 189 15.56 -6.51 3.97
N VAL A 190 16.03 -6.52 5.21
CA VAL A 190 16.13 -7.71 6.03
C VAL A 190 14.90 -7.77 6.92
N TYR A 191 14.49 -8.97 7.31
CA TYR A 191 13.40 -9.14 8.24
C TYR A 191 13.39 -10.57 8.75
N GLN A 192 12.76 -10.77 9.90
CA GLN A 192 12.57 -12.11 10.45
C GLN A 192 11.35 -12.12 11.36
N SER A 193 10.65 -13.25 11.36
CA SER A 193 9.53 -13.45 12.26
C SER A 193 10.05 -13.93 13.62
N MET A 194 9.23 -13.75 14.65
CA MET A 194 9.69 -14.07 15.99
C MET A 194 8.51 -14.12 16.94
N THR A 195 8.71 -14.86 18.03
CA THR A 195 7.80 -14.89 19.17
C THR A 195 8.45 -14.29 20.42
N LYS A 196 9.64 -14.75 20.77
CA LYS A 196 10.33 -14.35 21.99
C LYS A 196 11.65 -13.63 21.75
N LYS A 197 12.44 -14.07 20.77
CA LYS A 197 13.76 -13.51 20.55
C LYS A 197 13.99 -13.28 19.06
N ALA A 198 14.81 -12.27 18.75
CA ALA A 198 15.26 -12.02 17.39
C ALA A 198 16.56 -11.25 17.43
N ALA A 199 17.35 -11.38 16.36
CA ALA A 199 18.65 -10.71 16.28
C ALA A 199 19.06 -10.57 14.83
N ILE A 200 19.35 -9.34 14.41
CA ILE A 200 19.80 -9.05 13.04
C ILE A 200 21.18 -8.41 13.11
N THR A 201 22.11 -8.92 12.32
CA THR A 201 23.45 -8.35 12.24
C THR A 201 23.55 -7.46 11.01
N LEU A 202 24.00 -6.22 11.21
CA LEU A 202 24.08 -5.24 10.13
C LEU A 202 25.46 -4.60 10.07
N GLN A 203 25.89 -4.31 8.84
CA GLN A 203 27.16 -3.64 8.57
C GLN A 203 26.87 -2.26 8.01
N LYS A 204 27.66 -1.25 8.40
CA LYS A 204 27.37 0.08 7.85
C LYS A 204 27.72 0.15 6.37
N LYS A 205 28.57 -0.75 5.88
CA LYS A 205 28.99 -0.70 4.49
C LYS A 205 27.85 -1.01 3.53
N ASP A 206 26.78 -1.64 4.01
CA ASP A 206 25.67 -2.00 3.14
C ASP A 206 24.61 -0.91 3.15
N PHE A 207 24.80 0.13 3.93
CA PHE A 207 23.87 1.27 4.03
C PHE A 207 24.60 2.54 3.65
N PRO A 208 24.36 3.09 2.46
CA PRO A 208 25.08 4.32 2.07
C PRO A 208 24.83 5.50 2.98
N GLY A 209 23.63 5.62 3.55
CA GLY A 209 23.31 6.73 4.43
C GLY A 209 23.77 6.60 5.87
N GLU A 210 24.45 5.49 6.21
CA GLU A 210 24.94 5.20 7.56
C GLU A 210 23.83 5.39 8.61
N GLN A 211 22.59 5.14 8.22
CA GLN A 211 21.46 5.17 9.14
C GLN A 211 20.33 4.35 8.53
N PHE A 212 19.65 3.58 9.37
CA PHE A 212 18.65 2.64 8.89
C PHE A 212 17.44 2.66 9.81
N PHE A 213 16.31 2.25 9.26
CA PHE A 213 15.05 2.15 9.98
C PHE A 213 14.84 0.73 10.47
N VAL A 214 14.29 0.60 11.67
CA VAL A 214 13.95 -0.70 12.25
C VAL A 214 12.45 -0.71 12.48
N VAL A 215 11.77 -1.68 11.89
CA VAL A 215 10.31 -1.70 11.84
C VAL A 215 9.80 -2.94 12.56
N PHE A 216 8.88 -2.75 13.49
CA PHE A 216 8.22 -3.84 14.18
C PHE A 216 6.77 -3.92 13.73
N VAL A 217 6.37 -5.08 13.20
CA VAL A 217 5.01 -5.27 12.72
C VAL A 217 4.51 -6.59 13.28
N ILE A 218 3.36 -6.56 13.95
CA ILE A 218 2.79 -7.74 14.57
C ILE A 218 1.76 -8.37 13.62
N LYS A 219 1.86 -9.67 13.41
CA LYS A 219 0.93 -10.35 12.52
C LYS A 219 -0.47 -10.41 13.15
N PRO A 220 -1.50 -10.54 12.33
CA PRO A 220 -2.85 -10.73 12.89
C PRO A 220 -3.07 -12.10 13.47
N GLU A 221 -2.62 -13.15 12.79
CA GLU A 221 -2.73 -14.51 13.30
C GLU A 221 -1.37 -15.00 13.76
N ASP A 222 -1.32 -16.27 14.17
CA ASP A 222 -0.09 -16.89 14.65
C ASP A 222 0.25 -18.18 13.90
N TYR A 223 -0.32 -18.39 12.72
CA TYR A 223 -0.01 -19.60 11.97
C TYR A 223 1.45 -19.63 11.55
N ALA A 224 1.99 -18.51 11.08
CA ALA A 224 3.38 -18.46 10.64
C ALA A 224 4.36 -18.71 11.76
N CYS A 225 3.97 -18.51 13.02
CA CYS A 225 4.81 -18.79 14.17
C CYS A 225 4.46 -20.09 14.86
N GLY A 226 3.68 -20.95 14.23
CA GLY A 226 3.33 -22.22 14.83
C GLY A 226 2.23 -22.17 15.86
N GLY A 227 1.48 -21.08 15.93
CA GLY A 227 0.43 -20.95 16.91
C GLY A 227 -0.82 -21.72 16.52
N SER A 228 -1.78 -21.74 17.45
CA SER A 228 -3.03 -22.44 17.26
C SER A 228 -4.09 -21.47 16.74
N PHE A 229 -5.33 -21.94 16.66
CA PHE A 229 -6.44 -21.12 16.19
C PHE A 229 -7.71 -21.53 16.92
N PHE A 230 -8.31 -20.58 17.64
CA PHE A 230 -9.56 -20.84 18.34
C PHE A 230 -10.70 -20.93 17.34
N ILE A 231 -11.20 -22.15 17.11
CA ILE A 231 -12.29 -22.35 16.15
C ILE A 231 -13.55 -21.72 16.70
N GLN A 232 -14.05 -20.70 16.01
CA GLN A 232 -15.25 -19.99 16.41
C GLN A 232 -16.26 -19.97 15.27
N GLU A 233 -17.53 -20.17 15.61
CA GLU A 233 -18.58 -20.16 14.60
C GLU A 233 -18.83 -18.78 14.02
N LYS A 234 -18.35 -17.72 14.69
CA LYS A 234 -18.52 -16.35 14.20
C LYS A 234 -17.38 -16.00 13.26
N GLU A 235 -17.73 -15.61 12.02
CA GLU A 235 -16.72 -15.21 11.06
C GLU A 235 -15.97 -13.96 11.53
N ASN A 236 -16.69 -12.99 12.07
CA ASN A 236 -16.08 -11.76 12.58
C ASN A 236 -15.65 -12.01 14.02
N GLN A 237 -14.35 -12.27 14.21
CA GLN A 237 -13.80 -12.59 15.53
C GLN A 237 -13.66 -11.29 16.31
N THR A 238 -14.75 -10.88 16.97
CA THR A 238 -14.73 -9.66 17.76
C THR A 238 -13.86 -9.79 19.00
N TRP A 239 -13.58 -11.01 19.46
CA TRP A 239 -12.72 -11.20 20.61
C TRP A 239 -11.28 -10.79 20.32
N ASN A 240 -10.82 -10.99 19.08
CA ASN A 240 -9.46 -10.62 18.69
C ASN A 240 -9.43 -9.16 18.25
N LEU A 241 -9.57 -8.28 19.24
CA LEU A 241 -9.64 -6.85 19.00
C LEU A 241 -8.66 -6.02 19.83
N GLN A 242 -8.00 -6.61 20.83
CA GLN A 242 -7.09 -5.86 21.70
C GLN A 242 -5.73 -6.56 21.78
N ARG A 243 -5.32 -7.22 20.70
CA ARG A 243 -4.04 -7.91 20.67
C ARG A 243 -2.89 -6.92 20.91
N LYS A 244 -2.01 -7.27 21.83
CA LYS A 244 -0.87 -6.44 22.17
C LYS A 244 0.33 -7.32 22.49
N LYS A 245 1.51 -6.71 22.46
CA LYS A 245 2.76 -7.40 22.75
C LYS A 245 3.76 -6.40 23.28
N ASN A 246 4.19 -6.61 24.52
CA ASN A 246 5.27 -5.80 25.06
C ASN A 246 6.59 -6.25 24.46
N LEU A 247 7.50 -5.29 24.27
CA LEU A 247 8.72 -5.57 23.55
C LEU A 247 9.85 -4.72 24.11
N GLU A 248 11.06 -5.29 24.13
CA GLU A 248 12.26 -4.58 24.51
C GLU A 248 13.29 -4.70 23.39
N VAL A 249 13.87 -3.58 22.98
CA VAL A 249 14.81 -3.53 21.88
C VAL A 249 16.11 -2.89 22.37
N THR A 250 17.25 -3.52 22.04
CA THR A 250 18.55 -3.03 22.44
C THR A 250 19.53 -3.27 21.30
N ILE A 251 20.31 -2.25 20.96
CA ILE A 251 21.30 -2.35 19.88
C ILE A 251 22.68 -2.38 20.51
N VAL A 252 23.37 -3.51 20.38
CA VAL A 252 24.71 -3.65 20.95
C VAL A 252 25.76 -3.51 19.85
N PRO A 253 26.92 -2.94 20.14
CA PRO A 253 27.98 -2.86 19.13
C PRO A 253 28.65 -4.22 18.94
N SER A 254 28.71 -4.67 17.69
CA SER A 254 29.33 -5.96 17.39
C SER A 254 30.82 -5.96 17.73
N ASP B 1 -18.64 12.16 -15.74
CA ASP B 1 -18.91 11.38 -16.95
C ASP B 1 -17.66 10.64 -17.42
N PHE B 2 -17.80 9.34 -17.65
CA PHE B 2 -16.68 8.53 -18.10
C PHE B 2 -16.31 8.88 -19.54
N ASP B 3 -15.18 8.35 -19.99
CA ASP B 3 -14.68 8.53 -21.35
C ASP B 3 -14.45 10.01 -21.67
N HIS B 4 -14.07 10.80 -20.67
CA HIS B 4 -13.77 12.21 -20.85
C HIS B 4 -12.51 12.53 -20.08
N VAL B 5 -11.71 13.45 -20.62
CA VAL B 5 -10.43 13.83 -20.02
C VAL B 5 -10.60 15.24 -19.44
N TYR B 6 -10.60 15.33 -18.12
CA TYR B 6 -10.58 16.62 -17.45
C TYR B 6 -9.15 17.15 -17.33
N SER B 7 -9.01 18.47 -17.46
CA SER B 7 -7.72 19.13 -17.29
C SER B 7 -7.85 20.15 -16.17
N GLY B 8 -6.82 20.23 -15.33
CA GLY B 8 -6.89 21.12 -14.18
C GLY B 8 -5.52 21.48 -13.66
N VAL B 9 -5.50 22.50 -12.81
CA VAL B 9 -4.29 22.99 -12.17
C VAL B 9 -4.45 22.82 -10.67
N VAL B 10 -3.37 22.41 -10.00
CA VAL B 10 -3.37 22.20 -8.56
C VAL B 10 -2.32 23.09 -7.93
N ASN B 11 -2.53 23.45 -6.68
CA ASN B 11 -1.57 24.22 -5.90
C ASN B 11 -1.89 24.02 -4.43
N LEU B 12 -1.24 24.82 -3.56
CA LEU B 12 -1.39 24.63 -2.13
C LEU B 12 -2.83 24.88 -1.67
N SER B 13 -3.46 25.94 -2.18
CA SER B 13 -4.73 26.39 -1.64
C SER B 13 -5.93 25.73 -2.28
N THR B 14 -5.82 25.25 -3.51
CA THR B 14 -6.96 24.73 -4.27
C THR B 14 -6.82 23.24 -4.49
N GLU B 15 -7.90 22.51 -4.23
CA GLU B 15 -8.00 21.09 -4.55
C GLU B 15 -9.24 20.87 -5.39
N ASN B 16 -9.24 19.78 -6.15
CA ASN B 16 -10.33 19.47 -7.07
C ASN B 16 -11.00 18.16 -6.67
N ILE B 17 -12.33 18.15 -6.73
CA ILE B 17 -13.14 17.01 -6.31
C ILE B 17 -14.14 16.72 -7.42
N TYR B 18 -14.21 15.45 -7.84
CA TYR B 18 -15.12 15.00 -8.88
C TYR B 18 -15.80 13.73 -8.39
N SER B 19 -17.11 13.77 -8.21
CA SER B 19 -17.86 12.62 -7.75
C SER B 19 -18.48 11.91 -8.95
N PHE B 20 -18.19 10.62 -9.09
CA PHE B 20 -18.76 9.80 -10.15
C PHE B 20 -19.78 8.84 -9.57
N ASN B 21 -20.86 8.62 -10.29
CA ASN B 21 -21.90 7.67 -9.92
C ASN B 21 -22.16 6.72 -11.08
N TYR B 22 -22.31 5.43 -10.77
CA TYR B 22 -22.59 4.44 -11.79
C TYR B 22 -23.24 3.23 -11.11
N THR B 23 -23.82 2.35 -11.92
CA THR B 23 -24.50 1.17 -11.43
C THR B 23 -23.95 -0.08 -12.10
N SER B 24 -24.00 -1.19 -11.36
CA SER B 24 -23.56 -2.50 -11.85
C SER B 24 -24.66 -3.52 -11.61
N GLN B 25 -25.31 -3.95 -12.69
CA GLN B 25 -26.42 -4.89 -12.58
C GLN B 25 -25.89 -6.27 -12.19
N PRO B 26 -26.75 -7.11 -11.58
CA PRO B 26 -26.29 -8.43 -11.16
C PRO B 26 -25.80 -9.26 -12.33
N ASP B 27 -24.85 -10.17 -12.04
CA ASP B 27 -24.23 -11.09 -12.98
C ASP B 27 -23.34 -10.38 -14.00
N GLN B 28 -23.15 -9.07 -13.89
CA GLN B 28 -22.21 -8.32 -14.72
C GLN B 28 -21.30 -7.51 -13.83
N VAL B 29 -19.99 -7.63 -14.04
CA VAL B 29 -18.99 -6.91 -13.26
C VAL B 29 -18.47 -5.74 -14.08
N THR B 30 -18.34 -4.58 -13.43
CA THR B 30 -17.91 -3.35 -14.08
C THR B 30 -16.77 -2.76 -13.26
N ALA B 31 -15.56 -2.83 -13.81
CA ALA B 31 -14.38 -2.32 -13.14
C ALA B 31 -14.07 -0.91 -13.65
N VAL B 32 -13.88 0.02 -12.73
CA VAL B 32 -13.57 1.39 -13.08
C VAL B 32 -12.07 1.52 -13.33
N ARG B 33 -11.71 2.42 -14.23
CA ARG B 33 -10.32 2.64 -14.61
C ARG B 33 -10.02 4.13 -14.53
N VAL B 34 -8.93 4.47 -13.84
CA VAL B 34 -8.51 5.85 -13.63
C VAL B 34 -7.22 6.07 -14.40
N TYR B 35 -7.18 7.14 -15.20
CA TYR B 35 -6.07 7.44 -16.11
C TYR B 35 -5.59 8.84 -15.80
N VAL B 36 -4.51 8.96 -15.03
CA VAL B 36 -3.98 10.24 -14.60
C VAL B 36 -2.59 10.44 -15.21
N ASN B 37 -2.23 11.70 -15.43
CA ASN B 37 -0.87 12.09 -15.73
C ASN B 37 -0.64 13.50 -15.24
N SER B 38 0.62 13.81 -14.94
CA SER B 38 1.02 15.15 -14.51
C SER B 38 2.27 15.56 -15.26
N SER B 39 2.35 16.83 -15.64
CA SER B 39 3.47 17.35 -16.40
C SER B 39 4.57 17.95 -15.53
N SER B 40 4.43 17.90 -14.21
CA SER B 40 5.43 18.48 -13.33
C SER B 40 6.69 17.64 -13.35
N GLU B 41 7.75 18.17 -13.95
CA GLU B 41 9.04 17.47 -13.96
C GLU B 41 9.71 17.47 -12.59
N ASN B 42 9.29 18.35 -11.69
CA ASN B 42 9.88 18.40 -10.36
C ASN B 42 9.50 17.17 -9.55
N LEU B 43 10.39 16.75 -8.66
CA LEU B 43 10.13 15.63 -7.78
C LEU B 43 9.97 16.01 -6.31
N ASN B 44 10.38 17.21 -5.90
CA ASN B 44 10.21 17.62 -4.52
C ASN B 44 8.75 17.92 -4.16
N TYR B 45 7.86 18.03 -5.13
CA TYR B 45 6.44 18.30 -4.88
C TYR B 45 5.61 17.53 -5.89
N PRO B 46 5.41 16.23 -5.65
CA PRO B 46 4.51 15.46 -6.50
C PRO B 46 3.05 15.66 -6.12
N VAL B 47 2.20 15.59 -7.14
CA VAL B 47 0.75 15.76 -6.97
C VAL B 47 0.13 14.43 -6.54
N LEU B 48 -0.66 14.54 -5.46
CA LEU B 48 -1.28 13.33 -4.86
C LEU B 48 -2.69 13.18 -5.41
N VAL B 49 -3.05 11.95 -5.79
CA VAL B 49 -4.36 11.64 -6.34
C VAL B 49 -4.92 10.48 -5.53
N VAL B 50 -6.15 10.62 -5.06
CA VAL B 50 -6.79 9.59 -4.25
C VAL B 50 -8.13 9.23 -4.88
N VAL B 51 -8.49 7.95 -4.79
CA VAL B 51 -9.80 7.47 -5.22
C VAL B 51 -10.45 6.77 -4.04
N ARG B 52 -11.66 7.21 -3.68
CA ARG B 52 -12.34 6.71 -2.49
C ARG B 52 -13.61 5.98 -2.91
N GLN B 53 -13.75 4.74 -2.45
CA GLN B 53 -14.93 3.94 -2.71
C GLN B 53 -15.82 3.95 -1.47
N GLN B 54 -16.86 3.10 -1.49
CA GLN B 54 -17.70 2.93 -0.32
C GLN B 54 -16.94 2.26 0.83
N LYS B 55 -15.91 1.48 0.52
CA LYS B 55 -15.18 0.75 1.56
C LYS B 55 -13.67 1.01 1.45
N GLU B 56 -13.15 1.17 0.24
CA GLU B 56 -11.71 1.22 0.04
C GLU B 56 -11.25 2.59 -0.45
N VAL B 57 -10.05 2.97 -0.02
CA VAL B 57 -9.37 4.18 -0.45
C VAL B 57 -8.01 3.81 -1.05
N LEU B 58 -7.72 4.31 -2.24
CA LEU B 58 -6.46 4.05 -2.93
C LEU B 58 -5.83 5.38 -3.35
N SER B 59 -4.59 5.61 -2.92
CA SER B 59 -3.89 6.87 -3.18
C SER B 59 -2.53 6.59 -3.79
N TRP B 60 -2.08 7.54 -4.61
CA TRP B 60 -0.76 7.41 -5.25
C TRP B 60 -0.18 8.80 -5.48
N GLN B 61 1.10 8.87 -5.83
CA GLN B 61 1.78 10.13 -6.06
C GLN B 61 2.27 10.19 -7.51
N VAL B 62 2.11 11.36 -8.13
CA VAL B 62 2.50 11.58 -9.52
C VAL B 62 3.43 12.79 -9.58
N PRO B 63 4.56 12.72 -10.31
CA PRO B 63 5.09 11.58 -11.09
C PRO B 63 5.56 10.45 -10.19
N LEU B 64 5.11 9.23 -10.47
CA LEU B 64 5.51 8.09 -9.66
C LEU B 64 7.03 7.92 -9.68
N LEU B 65 7.59 7.56 -8.54
CA LEU B 65 9.03 7.44 -8.36
C LEU B 65 9.34 5.98 -8.03
N PHE B 66 10.36 5.43 -8.69
CA PHE B 66 10.81 4.08 -8.43
C PHE B 66 12.28 4.12 -8.04
N GLN B 67 12.66 3.29 -7.07
CA GLN B 67 14.07 3.25 -6.60
C GLN B 67 14.64 1.85 -6.86
N GLY B 68 15.17 1.62 -8.07
CA GLY B 68 15.78 0.36 -8.41
C GLY B 68 17.11 0.18 -7.71
N LEU B 69 17.80 -0.91 -8.08
CA LEU B 69 19.09 -1.18 -7.48
C LEU B 69 20.12 -0.17 -7.99
N TYR B 70 21.24 -0.07 -7.27
CA TYR B 70 22.32 0.86 -7.59
C TYR B 70 21.85 2.31 -7.51
N GLN B 71 20.81 2.55 -6.72
CA GLN B 71 20.26 3.88 -6.43
C GLN B 71 20.03 4.70 -7.70
N ARG B 72 19.46 4.05 -8.71
CA ARG B 72 18.91 4.74 -9.87
C ARG B 72 17.45 5.07 -9.60
N SER B 73 17.05 6.32 -9.86
CA SER B 73 15.68 6.74 -9.72
C SER B 73 14.98 6.83 -11.08
N TYR B 74 13.69 6.50 -11.09
CA TYR B 74 12.86 6.60 -12.28
C TYR B 74 11.63 7.43 -12.00
N ASN B 75 11.28 8.30 -12.94
CA ASN B 75 10.11 9.17 -12.82
C ASN B 75 9.14 8.86 -13.95
N TYR B 76 8.00 8.27 -13.60
CA TYR B 76 6.96 7.94 -14.57
C TYR B 76 5.85 8.97 -14.45
N GLN B 77 5.36 9.44 -15.60
CA GLN B 77 4.36 10.49 -15.60
C GLN B 77 2.92 10.01 -15.76
N GLU B 78 2.70 8.93 -16.50
CA GLU B 78 1.37 8.37 -16.69
C GLU B 78 1.10 7.27 -15.67
N VAL B 79 0.10 7.45 -14.81
CA VAL B 79 -0.22 6.41 -13.84
C VAL B 79 -1.67 5.98 -14.04
N SER B 80 -1.97 4.74 -13.66
CA SER B 80 -3.29 4.15 -13.87
C SER B 80 -3.47 2.96 -12.95
N ARG B 81 -4.74 2.79 -12.54
CA ARG B 81 -5.07 1.67 -11.64
C ARG B 81 -6.55 1.32 -11.79
N THR B 82 -6.93 0.09 -11.46
CA THR B 82 -8.30 -0.43 -11.54
C THR B 82 -8.78 -0.63 -10.11
N LEU B 83 -10.02 -0.25 -9.87
CA LEU B 83 -10.58 -0.26 -8.52
C LEU B 83 -11.20 -1.63 -8.20
N CYS B 84 -11.65 -1.77 -6.96
CA CYS B 84 -12.31 -2.98 -6.53
C CYS B 84 -13.63 -3.15 -7.27
N PRO B 85 -13.82 -4.24 -8.00
CA PRO B 85 -15.09 -4.49 -8.70
C PRO B 85 -16.15 -4.99 -7.74
N SER B 86 -17.12 -4.15 -7.43
CA SER B 86 -18.20 -4.56 -6.55
C SER B 86 -19.03 -5.63 -7.24
N GLU B 87 -19.28 -6.72 -6.53
CA GLU B 87 -19.94 -7.89 -7.10
C GLU B 87 -21.39 -7.92 -6.63
N ALA B 88 -22.29 -8.25 -7.55
CA ALA B 88 -23.71 -8.32 -7.28
C ALA B 88 -24.22 -9.72 -7.57
N THR B 89 -25.15 -10.18 -6.74
CA THR B 89 -25.63 -11.56 -6.75
C THR B 89 -27.10 -11.58 -7.16
N ASN B 90 -27.73 -12.75 -7.04
CA ASN B 90 -29.14 -12.88 -7.37
C ASN B 90 -30.04 -12.06 -6.46
N GLU B 91 -29.52 -11.57 -5.33
CA GLU B 91 -30.19 -10.49 -4.61
C GLU B 91 -30.06 -9.24 -5.46
N THR B 92 -31.12 -8.92 -6.21
CA THR B 92 -31.03 -7.95 -7.28
C THR B 92 -31.00 -6.53 -6.73
N GLY B 93 -30.89 -5.56 -7.64
CA GLY B 93 -30.86 -4.16 -7.27
C GLY B 93 -29.82 -3.40 -8.06
N PRO B 94 -30.24 -2.31 -8.69
CA PRO B 94 -29.28 -1.45 -9.40
C PRO B 94 -28.43 -0.63 -8.45
N LEU B 95 -27.34 -1.22 -7.96
CA LEU B 95 -26.52 -0.59 -6.92
C LEU B 95 -25.95 0.73 -7.42
N GLN B 96 -26.49 1.84 -6.93
CA GLN B 96 -26.09 3.18 -7.38
C GLN B 96 -24.85 3.63 -6.61
N GLN B 97 -23.73 3.00 -6.96
CA GLN B 97 -22.47 3.23 -6.27
C GLN B 97 -21.84 4.56 -6.70
N LEU B 98 -21.04 5.13 -5.80
CA LEU B 98 -20.34 6.37 -6.04
C LEU B 98 -18.86 6.21 -5.74
N ILE B 99 -18.03 6.97 -6.47
CA ILE B 99 -16.57 6.89 -6.35
C ILE B 99 -16.02 8.31 -6.46
N PHE B 100 -15.30 8.74 -5.43
CA PHE B 100 -14.72 10.08 -5.38
C PHE B 100 -13.27 10.08 -5.87
N VAL B 101 -12.90 11.14 -6.59
CA VAL B 101 -11.52 11.38 -7.03
C VAL B 101 -11.13 12.76 -6.53
N ASP B 102 -10.16 12.80 -5.61
CA ASP B 102 -9.71 14.03 -4.97
C ASP B 102 -8.23 14.25 -5.27
N VAL B 103 -7.91 15.42 -5.82
CA VAL B 103 -6.56 15.78 -6.20
C VAL B 103 -6.12 17.03 -5.46
N ALA B 104 -4.91 16.97 -4.89
CA ALA B 104 -4.36 18.08 -4.12
C ALA B 104 -2.84 17.98 -4.16
N SER B 105 -2.19 19.08 -3.80
CA SER B 105 -0.73 19.13 -3.72
C SER B 105 -0.34 20.40 -2.97
N MET B 106 0.97 20.60 -2.79
CA MET B 106 1.46 21.80 -2.07
C MET B 106 2.61 22.44 -2.86
N ALA B 107 2.68 22.19 -4.17
CA ALA B 107 3.75 22.81 -4.97
C ALA B 107 3.67 24.33 -4.86
N PRO B 108 4.80 25.02 -4.71
CA PRO B 108 4.77 26.48 -4.54
C PRO B 108 4.14 27.21 -5.71
N LEU B 109 4.31 26.71 -6.92
CA LEU B 109 3.66 27.28 -8.09
C LEU B 109 2.47 26.47 -8.57
N GLY B 110 2.59 25.15 -8.53
CA GLY B 110 1.52 24.24 -8.89
C GLY B 110 2.03 23.12 -9.77
N ALA B 111 1.07 22.34 -10.30
CA ALA B 111 1.38 21.25 -11.19
C ALA B 111 0.16 20.97 -12.06
N GLN B 112 0.41 20.70 -13.34
CA GLN B 112 -0.67 20.32 -14.25
C GLN B 112 -1.06 18.87 -14.02
N TYR B 113 -2.31 18.55 -14.36
CA TYR B 113 -2.75 17.16 -14.35
C TYR B 113 -3.96 17.00 -15.26
N LYS B 114 -3.99 15.88 -15.99
CA LYS B 114 -5.13 15.49 -16.81
C LYS B 114 -5.65 14.16 -16.29
N LEU B 115 -6.96 14.05 -16.12
CA LEU B 115 -7.57 12.88 -15.49
C LEU B 115 -8.71 12.36 -16.34
N LEU B 116 -8.69 11.06 -16.62
CA LEU B 116 -9.73 10.39 -17.39
C LEU B 116 -10.21 9.17 -16.63
N VAL B 117 -11.51 8.89 -16.74
CA VAL B 117 -12.14 7.76 -16.06
C VAL B 117 -12.97 7.00 -17.08
N THR B 118 -12.95 5.66 -16.99
CA THR B 118 -13.68 4.83 -17.94
C THR B 118 -13.87 3.45 -17.35
N LYS B 119 -15.05 2.87 -17.58
CA LYS B 119 -15.28 1.47 -17.24
C LYS B 119 -14.60 0.57 -18.26
N LEU B 120 -14.05 -0.54 -17.77
CA LEU B 120 -13.37 -1.49 -18.65
C LEU B 120 -14.42 -2.33 -19.38
N LYS B 121 -14.48 -2.20 -20.70
CA LYS B 121 -15.45 -2.96 -21.48
C LYS B 121 -15.14 -4.46 -21.44
N HIS B 122 -13.86 -4.82 -21.45
CA HIS B 122 -13.45 -6.22 -21.39
C HIS B 122 -12.77 -6.45 -20.05
N PHE B 123 -13.56 -6.78 -19.04
CA PHE B 123 -13.06 -7.03 -17.70
C PHE B 123 -13.16 -8.49 -17.30
N GLN B 124 -14.09 -9.23 -17.89
CA GLN B 124 -14.28 -10.65 -17.60
C GLN B 124 -13.73 -11.44 -18.79
N LEU B 125 -12.64 -12.16 -18.55
CA LEU B 125 -12.01 -12.93 -19.62
C LEU B 125 -12.88 -14.10 -20.03
N ARG B 126 -12.91 -14.38 -21.33
CA ARG B 126 -13.68 -15.48 -21.89
C ARG B 126 -12.76 -16.63 -22.26
N THR B 127 -13.30 -17.85 -22.16
CA THR B 127 -12.50 -19.05 -22.40
C THR B 127 -12.09 -19.14 -23.87
N ASN B 128 -10.82 -19.50 -24.08
CA ASN B 128 -10.24 -19.73 -25.41
C ASN B 128 -10.26 -18.50 -26.32
N VAL B 129 -10.55 -17.32 -25.79
CA VAL B 129 -10.60 -16.09 -26.58
C VAL B 129 -9.37 -15.25 -26.23
N ALA B 130 -8.50 -15.05 -27.21
CA ALA B 130 -7.28 -14.28 -27.00
C ALA B 130 -7.59 -12.79 -26.90
N PHE B 131 -6.96 -12.14 -25.91
CA PHE B 131 -7.10 -10.71 -25.70
C PHE B 131 -5.73 -10.02 -25.75
N HIS B 132 -5.72 -8.82 -26.33
CA HIS B 132 -4.52 -8.00 -26.47
C HIS B 132 -4.64 -6.75 -25.63
N PHE B 133 -3.58 -6.40 -24.91
CA PHE B 133 -3.58 -5.22 -24.05
C PHE B 133 -2.14 -4.78 -23.78
N THR B 134 -2.00 -3.49 -23.48
CA THR B 134 -0.71 -2.85 -23.24
C THR B 134 -0.55 -2.48 -21.78
N ALA B 135 0.54 -2.96 -21.17
CA ALA B 135 0.81 -2.71 -19.74
C ALA B 135 1.98 -1.75 -19.60
N SER B 136 2.36 -1.43 -18.37
CA SER B 136 3.49 -0.49 -18.12
C SER B 136 3.79 -0.48 -16.62
N PRO B 137 5.03 -0.20 -16.14
CA PRO B 137 5.34 -0.27 -14.72
C PRO B 137 4.32 0.47 -13.84
N SER B 138 3.94 1.68 -14.23
CA SER B 138 2.99 2.49 -13.44
C SER B 138 1.57 2.28 -13.94
N GLN B 139 1.39 1.52 -15.03
CA GLN B 139 0.03 1.24 -15.51
C GLN B 139 -0.23 -0.27 -15.38
N PRO B 140 -0.44 -0.81 -14.16
CA PRO B 140 -0.78 -2.23 -14.03
C PRO B 140 -2.22 -2.50 -14.47
N GLN B 141 -2.49 -3.78 -14.75
CA GLN B 141 -3.80 -4.19 -15.22
C GLN B 141 -4.23 -5.43 -14.46
N TYR B 142 -5.54 -5.67 -14.42
CA TYR B 142 -6.03 -6.97 -13.97
C TYR B 142 -7.47 -7.18 -14.46
N PHE B 143 -7.82 -8.45 -14.65
CA PHE B 143 -9.13 -8.83 -15.15
C PHE B 143 -9.65 -10.03 -14.35
N LEU B 144 -10.97 -10.18 -14.34
CA LEU B 144 -11.62 -11.24 -13.58
C LEU B 144 -11.98 -12.40 -14.51
N TYR B 145 -11.66 -13.62 -14.09
CA TYR B 145 -12.10 -14.82 -14.78
C TYR B 145 -13.03 -15.62 -13.89
N LYS B 146 -14.13 -16.12 -14.47
CA LYS B 146 -15.10 -16.92 -13.75
C LYS B 146 -15.11 -18.33 -14.32
N PHE B 147 -15.00 -19.33 -13.44
CA PHE B 147 -14.94 -20.70 -13.89
C PHE B 147 -16.28 -21.14 -14.47
N PRO B 148 -16.27 -22.02 -15.46
CA PRO B 148 -17.53 -22.60 -15.95
C PRO B 148 -17.93 -23.80 -15.10
N LYS B 149 -19.17 -24.26 -15.31
CA LYS B 149 -19.68 -25.37 -14.53
C LYS B 149 -18.98 -26.69 -14.86
N ASP B 150 -18.86 -27.01 -16.16
CA ASP B 150 -18.28 -28.28 -16.57
C ASP B 150 -16.77 -28.31 -16.37
N VAL B 151 -16.08 -27.23 -16.75
CA VAL B 151 -14.62 -27.22 -16.68
C VAL B 151 -14.18 -27.21 -15.23
N ASP B 152 -13.12 -27.96 -14.92
CA ASP B 152 -12.60 -28.05 -13.57
C ASP B 152 -11.17 -27.57 -13.41
N SER B 153 -10.48 -27.24 -14.49
CA SER B 153 -9.13 -26.72 -14.38
C SER B 153 -8.84 -25.94 -15.65
N VAL B 154 -7.98 -24.92 -15.52
CA VAL B 154 -7.66 -24.05 -16.64
C VAL B 154 -6.16 -23.83 -16.68
N ILE B 155 -5.69 -23.39 -17.84
CA ILE B 155 -4.32 -22.95 -18.03
C ILE B 155 -4.38 -21.56 -18.67
N ILE B 156 -3.78 -20.58 -18.01
CA ILE B 156 -3.75 -19.22 -18.54
C ILE B 156 -2.39 -19.01 -19.18
N LYS B 157 -2.39 -18.58 -20.44
CA LYS B 157 -1.19 -18.48 -21.25
C LYS B 157 -1.02 -17.04 -21.70
N VAL B 158 0.16 -16.49 -21.43
CA VAL B 158 0.48 -15.11 -21.77
C VAL B 158 1.69 -15.11 -22.68
N VAL B 159 1.61 -14.36 -23.77
CA VAL B 159 2.67 -14.28 -24.77
C VAL B 159 2.96 -12.81 -25.07
N SER B 160 4.24 -12.46 -25.16
CA SER B 160 4.65 -11.13 -25.56
C SER B 160 5.66 -11.22 -26.68
N GLU B 161 5.85 -10.08 -27.35
CA GLU B 161 6.74 -9.98 -28.50
C GLU B 161 8.15 -9.55 -28.09
N MET B 162 8.26 -8.40 -27.45
CA MET B 162 9.55 -7.88 -26.99
C MET B 162 9.85 -8.45 -25.62
N ALA B 163 11.05 -9.02 -25.47
CA ALA B 163 11.40 -9.72 -24.23
C ALA B 163 11.37 -8.77 -23.03
N TYR B 164 11.93 -7.60 -23.18
CA TYR B 164 11.93 -6.63 -22.11
C TYR B 164 10.79 -5.64 -22.30
N PRO B 165 10.25 -5.05 -21.22
CA PRO B 165 10.65 -5.16 -19.80
C PRO B 165 10.22 -6.44 -19.11
N CYS B 166 10.76 -6.68 -17.92
CA CYS B 166 10.32 -7.80 -17.10
C CYS B 166 8.90 -7.56 -16.58
N SER B 167 8.13 -8.63 -16.46
CA SER B 167 6.75 -8.53 -16.03
C SER B 167 6.42 -9.65 -15.05
N VAL B 168 5.31 -9.47 -14.33
CA VAL B 168 4.83 -10.42 -13.35
C VAL B 168 3.34 -10.63 -13.56
N VAL B 169 2.92 -11.90 -13.62
CA VAL B 169 1.53 -12.27 -13.78
C VAL B 169 1.10 -13.01 -12.52
N SER B 170 0.04 -12.54 -11.88
CA SER B 170 -0.39 -13.11 -10.61
C SER B 170 -1.87 -13.48 -10.67
N VAL B 171 -2.25 -14.45 -9.84
CA VAL B 171 -3.63 -14.87 -9.68
C VAL B 171 -3.99 -14.87 -8.21
N GLN B 172 -5.08 -14.19 -7.85
CA GLN B 172 -5.51 -14.07 -6.48
C GLN B 172 -7.02 -14.35 -6.40
N ASN B 173 -7.48 -14.62 -5.17
CA ASN B 173 -8.92 -14.86 -4.97
C ASN B 173 -9.62 -13.49 -4.92
N ILE B 174 -10.95 -13.49 -4.93
CA ILE B 174 -11.72 -12.25 -4.87
C ILE B 174 -11.92 -11.84 -3.42
N MET B 175 -10.97 -11.07 -2.91
CA MET B 175 -11.11 -10.34 -1.64
C MET B 175 -10.27 -9.08 -1.77
N CYS B 176 -10.90 -8.00 -2.21
CA CYS B 176 -10.16 -6.78 -2.45
C CYS B 176 -9.88 -6.06 -1.13
N PRO B 177 -8.80 -5.26 -1.06
CA PRO B 177 -7.99 -4.69 -2.15
C PRO B 177 -7.13 -5.70 -2.91
N VAL B 178 -6.94 -5.44 -4.19
CA VAL B 178 -6.21 -6.34 -5.09
C VAL B 178 -4.75 -5.92 -5.12
N TYR B 179 -3.86 -6.90 -4.94
CA TYR B 179 -2.43 -6.64 -4.83
C TYR B 179 -1.86 -6.54 -6.25
N ASP B 180 -1.73 -5.31 -6.75
CA ASP B 180 -1.24 -5.04 -8.10
C ASP B 180 -0.09 -4.04 -8.08
N LEU B 181 0.84 -4.20 -7.14
CA LEU B 181 2.03 -3.35 -7.08
C LEU B 181 3.27 -4.24 -7.04
N ASP B 182 4.40 -3.67 -7.47
CA ASP B 182 5.63 -4.43 -7.60
C ASP B 182 6.11 -4.97 -6.25
N HIS B 183 5.97 -4.17 -5.19
CA HIS B 183 6.43 -4.58 -3.86
C HIS B 183 5.41 -5.40 -3.11
N ASN B 184 4.21 -5.59 -3.67
CA ASN B 184 3.14 -6.26 -2.88
C ASN B 184 2.51 -7.43 -3.66
N VAL B 185 2.53 -7.40 -4.99
CA VAL B 185 1.89 -8.45 -5.78
C VAL B 185 2.37 -9.85 -5.37
N GLU B 186 3.57 -9.96 -4.82
CA GLU B 186 4.14 -11.25 -4.48
C GLU B 186 3.64 -11.82 -3.16
N PHE B 187 2.85 -11.06 -2.40
CA PHE B 187 2.46 -11.50 -1.06
C PHE B 187 1.48 -12.67 -1.13
N ASN B 188 0.43 -12.55 -1.93
CA ASN B 188 -0.70 -13.46 -1.87
C ASN B 188 -0.91 -14.16 -3.20
N GLY B 189 -1.42 -15.38 -3.13
CA GLY B 189 -1.78 -16.12 -4.32
C GLY B 189 -0.56 -16.63 -5.09
N VAL B 190 -0.82 -16.98 -6.33
CA VAL B 190 0.21 -17.49 -7.24
C VAL B 190 0.72 -16.33 -8.07
N TYR B 191 1.98 -16.43 -8.51
CA TYR B 191 2.54 -15.43 -9.41
C TYR B 191 3.82 -15.98 -10.01
N GLN B 192 4.22 -15.39 -11.14
CA GLN B 192 5.49 -15.73 -11.77
C GLN B 192 5.96 -14.57 -12.61
N SER B 193 7.28 -14.38 -12.66
CA SER B 193 7.88 -13.38 -13.52
C SER B 193 8.05 -13.95 -14.92
N MET B 194 8.17 -13.06 -15.91
CA MET B 194 8.23 -13.52 -17.29
C MET B 194 8.72 -12.40 -18.18
N THR B 195 9.27 -12.81 -19.33
CA THR B 195 9.61 -11.92 -20.43
C THR B 195 8.76 -12.18 -21.66
N LYS B 196 8.67 -13.43 -22.09
CA LYS B 196 7.98 -13.81 -23.31
C LYS B 196 6.79 -14.74 -23.10
N LYS B 197 6.92 -15.70 -22.17
CA LYS B 197 5.88 -16.71 -21.97
C LYS B 197 5.63 -16.92 -20.49
N ALA B 198 4.38 -17.27 -20.15
CA ALA B 198 4.03 -17.67 -18.80
C ALA B 198 2.79 -18.55 -18.85
N ALA B 199 2.64 -19.39 -17.83
CA ALA B 199 1.50 -20.30 -17.77
C ALA B 199 1.26 -20.73 -16.32
N ILE B 200 0.04 -20.52 -15.83
CA ILE B 200 -0.35 -20.90 -14.48
C ILE B 200 -1.51 -21.89 -14.57
N THR B 201 -1.40 -23.01 -13.86
CA THR B 201 -2.44 -24.02 -13.80
C THR B 201 -3.25 -23.82 -12.51
N LEU B 202 -4.58 -23.73 -12.66
CA LEU B 202 -5.45 -23.47 -11.52
C LEU B 202 -6.59 -24.47 -11.48
N GLN B 203 -6.99 -24.83 -10.26
CA GLN B 203 -8.12 -25.73 -10.00
C GLN B 203 -9.23 -24.94 -9.34
N LYS B 204 -10.49 -25.23 -9.70
CA LYS B 204 -11.56 -24.47 -9.06
C LYS B 204 -11.70 -24.85 -7.59
N LYS B 205 -11.22 -26.03 -7.20
CA LYS B 205 -11.37 -26.48 -5.82
C LYS B 205 -10.59 -25.64 -4.83
N ASP B 206 -9.60 -24.89 -5.30
CA ASP B 206 -8.78 -24.08 -4.42
C ASP B 206 -9.33 -22.67 -4.30
N PHE B 207 -10.40 -22.36 -5.03
CA PHE B 207 -11.05 -21.06 -5.02
C PHE B 207 -12.50 -21.23 -4.58
N PRO B 208 -12.86 -20.86 -3.36
CA PRO B 208 -14.24 -21.05 -2.91
C PRO B 208 -15.27 -20.28 -3.74
N GLY B 209 -14.91 -19.10 -4.24
CA GLY B 209 -15.83 -18.30 -5.03
C GLY B 209 -15.95 -18.68 -6.48
N GLU B 210 -15.24 -19.72 -6.93
CA GLU B 210 -15.22 -20.19 -8.32
C GLU B 210 -14.99 -19.05 -9.31
N GLN B 211 -14.24 -18.03 -8.88
CA GLN B 211 -13.84 -16.93 -9.75
C GLN B 211 -12.61 -16.28 -9.14
N PHE B 212 -11.66 -15.90 -10.00
CA PHE B 212 -10.37 -15.41 -9.53
C PHE B 212 -9.94 -14.24 -10.39
N PHE B 213 -9.08 -13.40 -9.81
CA PHE B 213 -8.51 -12.25 -10.49
C PHE B 213 -7.14 -12.61 -11.06
N VAL B 214 -6.84 -12.07 -12.24
CA VAL B 214 -5.55 -12.25 -12.88
C VAL B 214 -4.94 -10.87 -13.05
N VAL B 215 -3.75 -10.67 -12.48
CA VAL B 215 -3.13 -9.36 -12.37
C VAL B 215 -1.82 -9.35 -13.15
N PHE B 216 -1.66 -8.37 -14.02
CA PHE B 216 -0.43 -8.17 -14.76
C PHE B 216 0.26 -6.91 -14.25
N VAL B 217 1.50 -7.04 -13.78
CA VAL B 217 2.26 -5.92 -13.24
C VAL B 217 3.64 -5.95 -13.86
N ILE B 218 4.04 -4.85 -14.46
CA ILE B 218 5.34 -4.76 -15.14
C ILE B 218 6.36 -4.15 -14.19
N LYS B 219 7.52 -4.77 -14.07
CA LYS B 219 8.56 -4.26 -13.19
C LYS B 219 9.16 -2.97 -13.76
N PRO B 220 9.73 -2.14 -12.90
CA PRO B 220 10.43 -0.94 -13.41
C PRO B 220 11.75 -1.27 -14.06
N GLU B 221 12.55 -2.15 -13.48
CA GLU B 221 13.81 -2.57 -14.07
C GLU B 221 13.69 -3.98 -14.61
N ASP B 222 14.80 -4.50 -15.11
CA ASP B 222 14.85 -5.83 -15.69
C ASP B 222 15.91 -6.72 -15.05
N TYR B 223 16.40 -6.36 -13.85
CA TYR B 223 17.41 -7.19 -13.19
C TYR B 223 16.86 -8.57 -12.84
N ALA B 224 15.63 -8.63 -12.32
CA ALA B 224 15.03 -9.91 -11.94
C ALA B 224 14.82 -10.84 -13.13
N CYS B 225 14.74 -10.31 -14.35
CA CYS B 225 14.60 -11.11 -15.55
C CYS B 225 15.90 -11.27 -16.32
N GLY B 226 17.04 -10.94 -15.70
CA GLY B 226 18.32 -11.09 -16.37
C GLY B 226 18.67 -10.00 -17.34
N GLY B 227 17.98 -8.87 -17.31
CA GLY B 227 18.25 -7.80 -18.23
C GLY B 227 19.47 -7.00 -17.84
N SER B 228 19.84 -6.07 -18.71
CA SER B 228 21.01 -5.23 -18.51
C SER B 228 20.57 -3.90 -17.89
N PHE B 229 21.52 -2.97 -17.78
CA PHE B 229 21.24 -1.66 -17.20
C PHE B 229 22.10 -0.63 -17.91
N PHE B 230 21.45 0.37 -18.53
CA PHE B 230 22.18 1.44 -19.20
C PHE B 230 22.76 2.37 -18.14
N ILE B 231 24.08 2.33 -17.98
CA ILE B 231 24.75 3.17 -16.99
C ILE B 231 24.67 4.62 -17.43
N GLN B 232 23.97 5.44 -16.66
CA GLN B 232 23.79 6.86 -16.96
C GLN B 232 24.23 7.70 -15.77
N GLU B 233 24.91 8.80 -16.06
CA GLU B 233 25.39 9.69 -15.01
C GLU B 233 24.24 10.45 -14.33
N LYS B 234 23.06 10.48 -14.94
CA LYS B 234 21.90 11.14 -14.37
C LYS B 234 21.16 10.19 -13.45
N GLU B 235 20.99 10.58 -12.19
CA GLU B 235 20.25 9.76 -11.24
C GLU B 235 18.79 9.61 -11.67
N ASN B 236 18.17 10.71 -12.11
CA ASN B 236 16.79 10.69 -12.57
C ASN B 236 16.78 10.28 -14.03
N GLN B 237 16.49 9.01 -14.30
CA GLN B 237 16.49 8.47 -15.66
C GLN B 237 15.21 8.92 -16.36
N THR B 238 15.25 10.12 -16.94
CA THR B 238 14.10 10.65 -17.66
C THR B 238 13.81 9.88 -18.94
N TRP B 239 14.81 9.17 -19.49
CA TRP B 239 14.57 8.38 -20.70
C TRP B 239 13.62 7.22 -20.43
N ASN B 240 13.67 6.64 -19.24
CA ASN B 240 12.80 5.52 -18.88
C ASN B 240 11.46 6.06 -18.35
N LEU B 241 10.68 6.61 -19.28
CA LEU B 241 9.41 7.23 -18.93
C LEU B 241 8.23 6.72 -19.75
N GLN B 242 8.45 5.97 -20.83
CA GLN B 242 7.37 5.49 -21.68
C GLN B 242 7.45 3.97 -21.87
N ARG B 243 7.92 3.26 -20.85
CA ARG B 243 8.02 1.81 -20.93
C ARG B 243 6.65 1.19 -21.15
N LYS B 244 6.57 0.28 -22.13
CA LYS B 244 5.33 -0.39 -22.48
C LYS B 244 5.64 -1.82 -22.90
N LYS B 245 4.60 -2.64 -22.89
CA LYS B 245 4.71 -4.04 -23.28
C LYS B 245 3.36 -4.51 -23.78
N ASN B 246 3.31 -4.91 -25.05
CA ASN B 246 2.12 -5.53 -25.60
C ASN B 246 2.01 -6.96 -25.08
N LEU B 247 0.78 -7.41 -24.86
CA LEU B 247 0.57 -8.69 -24.21
C LEU B 247 -0.70 -9.33 -24.78
N GLU B 248 -0.67 -10.67 -24.88
CA GLU B 248 -1.82 -11.45 -25.28
C GLU B 248 -2.09 -12.51 -24.22
N VAL B 249 -3.33 -12.61 -23.77
CA VAL B 249 -3.72 -13.54 -22.71
C VAL B 249 -4.85 -14.41 -23.21
N THR B 250 -4.72 -15.72 -22.97
CA THR B 250 -5.72 -16.70 -23.40
C THR B 250 -5.85 -17.76 -22.32
N ILE B 251 -7.08 -18.09 -21.95
CA ILE B 251 -7.35 -19.09 -20.92
C ILE B 251 -7.92 -20.33 -21.62
N VAL B 252 -7.17 -21.42 -21.59
CA VAL B 252 -7.60 -22.66 -22.24
C VAL B 252 -8.10 -23.64 -21.18
N PRO B 253 -9.12 -24.45 -21.48
CA PRO B 253 -9.58 -25.45 -20.50
C PRO B 253 -8.61 -26.61 -20.44
N SER B 254 -8.18 -26.95 -19.24
CA SER B 254 -7.24 -28.06 -19.04
C SER B 254 -7.86 -29.38 -19.45
C1 NAG C . 1.98 26.22 9.29
C2 NAG C . 1.74 27.51 10.07
C3 NAG C . 0.41 28.15 9.66
C4 NAG C . 0.36 28.33 8.15
C5 NAG C . 0.64 27.00 7.44
C6 NAG C . 0.72 27.13 5.94
C7 NAG C . 2.29 28.14 12.38
C8 NAG C . 2.23 27.74 13.82
N2 NAG C . 1.77 27.28 11.51
O3 NAG C . 0.26 29.40 10.30
O4 NAG C . -0.92 28.81 7.75
O5 NAG C . 1.90 26.47 7.88
O6 NAG C . 1.98 26.69 5.44
O7 NAG C . 2.78 29.21 12.02
C1 NAG D . -9.38 6.19 21.22
C2 NAG D . -9.89 5.65 22.56
C3 NAG D . -9.72 6.70 23.66
C4 NAG D . -8.30 7.21 23.70
C5 NAG D . -7.86 7.69 22.32
C6 NAG D . -6.42 8.11 22.26
C7 NAG D . -11.66 3.94 22.61
C8 NAG D . -13.12 3.67 22.48
N2 NAG D . -11.28 5.22 22.47
O3 NAG D . -10.08 6.14 24.92
O4 NAG D . -8.19 8.29 24.62
O5 NAG D . -8.03 6.63 21.36
O6 NAG D . -5.75 7.53 21.14
O7 NAG D . -10.85 3.04 22.84
C1 NAG E . 27.64 20.01 10.54
C2 NAG E . 26.90 20.42 11.80
C3 NAG E . 27.60 19.87 13.04
C4 NAG E . 27.77 18.36 12.92
C5 NAG E . 28.48 18.02 11.62
C6 NAG E . 28.57 16.53 11.37
C7 NAG E . 25.67 22.50 12.29
C8 NAG E . 25.73 23.99 12.31
N2 NAG E . 26.78 21.87 11.89
O3 NAG E . 26.84 20.19 14.21
O4 NAG E . 28.53 17.87 14.01
O5 NAG E . 27.77 18.58 10.51
O6 NAG E . 27.40 16.03 10.74
O7 NAG E . 24.65 21.88 12.60
C1 NAG F . -25.09 9.37 -7.65
C2 NAG F . -26.20 10.16 -8.33
C3 NAG F . -26.22 11.59 -7.81
C4 NAG F . -26.31 11.62 -6.29
C5 NAG F . -25.18 10.79 -5.69
C6 NAG F . -25.27 10.66 -4.19
C7 NAG F . -27.10 10.08 -10.61
C8 NAG F . -26.75 10.06 -12.08
N2 NAG F . -26.06 10.14 -9.77
O3 NAG F . -27.34 12.29 -8.37
O4 NAG F . -26.21 12.95 -5.81
O5 NAG F . -25.24 9.45 -6.22
O6 NAG F . -25.37 9.30 -3.78
O7 NAG F . -28.26 10.03 -10.21
C1 NAG G . -2.67 12.43 -20.32
C2 NAG G . -2.03 12.76 -21.68
C3 NAG G . -3.10 13.11 -22.70
C4 NAG G . -4.15 12.01 -22.77
C5 NAG G . -4.71 11.72 -21.39
C6 NAG G . -5.68 10.57 -21.36
C7 NAG G . 0.24 13.68 -21.75
C8 NAG G . 1.09 14.91 -21.57
N2 NAG G . -1.07 13.84 -21.54
O3 NAG G . -2.49 13.29 -23.97
O4 NAG G . -5.21 12.41 -23.63
O5 NAG G . -3.63 11.38 -20.49
O6 NAG G . -5.38 9.65 -20.32
O7 NAG G . 0.73 12.60 -22.07
C1 NAG H . -29.96 -16.46 -10.46
C2 NAG H . -30.08 -15.53 -11.66
C3 NAG H . -29.91 -16.31 -12.96
C4 NAG H . -28.61 -17.09 -12.94
C5 NAG H . -28.52 -17.96 -11.69
C6 NAG H . -27.20 -18.67 -11.54
C7 NAG H . -31.49 -13.53 -11.94
C8 NAG H . -32.88 -12.98 -11.87
N2 NAG H . -31.35 -14.83 -11.65
O3 NAG H . -29.93 -15.41 -14.06
O4 NAG H . -28.51 -17.90 -14.11
O5 NAG H . -28.70 -17.16 -10.52
O6 NAG H . -26.23 -17.83 -10.91
O7 NAG H . -30.53 -12.84 -12.25
#